data_4IKM
#
_entry.id   4IKM
#
_cell.length_a   94.877
_cell.length_b   94.877
_cell.length_c   219.390
_cell.angle_alpha   90.00
_cell.angle_beta   90.00
_cell.angle_gamma   120.00
#
_symmetry.space_group_name_H-M   'P 65 2 2'
#
loop_
_entity.id
_entity.type
_entity.pdbx_description
1 polymer 'Maltose-binding periplasmic protein, Caspase recruitment domain-containing protein 8'
2 branched alpha-D-glucopyranose-(1-4)-alpha-D-glucopyranose
3 non-polymer 'IODIDE ION'
4 non-polymer 1,2-ETHANEDIOL
5 water water
#
_entity_poly.entity_id   1
_entity_poly.type   'polypeptide(L)'
_entity_poly.pdbx_seq_one_letter_code
;MKIEEGKLVIWINGDKGYNGLAEVGKKFEKDTGIKVTVEHPDKLEEKFPQVAATGDGPDIIFWAHDRFGGYAQSGLLAEI
TPAAAFQDKLYPFTWDAVR(IYR)NGKLIAYPIAVEALSLIYNKDLLPNPPKTWEEIPALDKELKAKGKSALMFNLQEPY
FTWPLIAADGGYAFK(TYI)AAGKYDIKDVGVDNAGAKAGLTFLVDLIKNKHMNADTD(TYI)SIAEAAFNKGETAMTIN
GPWAWSNIDTSAVN(IYR)GVTVLPTFKGQPSKPFVGVLSAGINAASPNKELAKEFLENYLLTDEGLEAVNKDKPLGAVA
LKS(TYI)EEELAKDPRIAATMENAQKGEIMPNIPQMSAFW(TYI)AVRTAVINAASGRQTVDAALAAAQTNAVDAAFVK
ENHRQLQARMGDLKGVLDDLQDNEVLTENEKELVEQEKTRQSKNEALLSMVEKKGDLALDVLFRSISERDP(TYI)LVS
(IYR)LRQQNLAAALEHHHHHH
;
_entity_poly.pdbx_strand_id   A
#
# COMPACT_ATOMS: atom_id res chain seq x y z
N MET A 1 23.13 10.77 -5.76
CA MET A 1 23.98 11.76 -6.41
C MET A 1 23.24 13.08 -6.66
N LYS A 2 22.70 13.23 -7.86
CA LYS A 2 21.87 14.38 -8.21
C LYS A 2 21.10 14.04 -9.47
N ILE A 3 19.95 14.67 -9.67
CA ILE A 3 19.09 14.33 -10.80
C ILE A 3 19.55 14.98 -12.11
N GLU A 4 19.85 14.15 -13.11
CA GLU A 4 20.35 14.61 -14.41
C GLU A 4 19.31 15.38 -15.21
N GLU A 5 19.71 16.56 -15.66
CA GLU A 5 18.85 17.40 -16.49
C GLU A 5 18.88 16.90 -17.94
N GLY A 6 17.73 16.95 -18.61
CA GLY A 6 17.64 16.51 -20.00
C GLY A 6 17.44 15.02 -20.11
N LYS A 7 16.86 14.43 -19.08
CA LYS A 7 16.65 12.99 -19.03
C LYS A 7 15.45 12.71 -18.12
N LEU A 8 14.80 11.56 -18.31
CA LEU A 8 13.74 11.14 -17.41
C LEU A 8 14.02 9.78 -16.78
N VAL A 9 14.09 9.76 -15.45
CA VAL A 9 14.21 8.51 -14.70
C VAL A 9 12.86 8.22 -14.05
N ILE A 10 12.36 7.01 -14.26
CA ILE A 10 11.03 6.63 -13.76
C ILE A 10 11.08 5.42 -12.83
N TRP A 11 10.30 5.46 -11.75
CA TRP A 11 10.19 4.33 -10.84
C TRP A 11 8.77 3.78 -10.83
N ILE A 12 8.65 2.47 -10.97
CA ILE A 12 7.35 1.82 -10.96
C ILE A 12 7.48 0.42 -10.34
N ASN A 13 6.44 -0.09 -9.70
CA ASN A 13 6.50 -1.37 -8.98
C ASN A 13 6.75 -2.57 -9.90
N GLY A 14 7.52 -3.54 -9.41
CA GLY A 14 7.92 -4.69 -10.19
C GLY A 14 6.80 -5.61 -10.66
N ASP A 15 5.59 -5.41 -10.15
CA ASP A 15 4.45 -6.20 -10.59
C ASP A 15 3.64 -5.50 -11.67
N LYS A 16 4.11 -4.33 -12.13
CA LYS A 16 3.43 -3.60 -13.19
C LYS A 16 4.14 -3.78 -14.54
N GLY A 17 3.46 -3.40 -15.61
CA GLY A 17 4.03 -3.54 -16.95
C GLY A 17 5.13 -2.55 -17.23
N TYR A 18 6.26 -2.69 -16.53
CA TYR A 18 7.38 -1.75 -16.67
C TYR A 18 8.09 -1.84 -18.02
N ASN A 19 8.03 -2.99 -18.67
CA ASN A 19 8.55 -3.12 -20.04
C ASN A 19 7.66 -2.39 -21.03
N GLY A 20 6.36 -2.40 -20.76
CA GLY A 20 5.41 -1.69 -21.61
C GLY A 20 5.58 -0.19 -21.48
N LEU A 21 5.82 0.28 -20.25
CA LEU A 21 6.07 1.70 -20.00
C LEU A 21 7.39 2.13 -20.65
N ALA A 22 8.36 1.23 -20.67
CA ALA A 22 9.64 1.49 -21.33
C ALA A 22 9.44 1.66 -22.84
N GLU A 23 8.48 0.91 -23.39
CA GLU A 23 8.15 1.05 -24.80
C GLU A 23 7.63 2.46 -25.09
N VAL A 24 6.88 3.02 -24.14
CA VAL A 24 6.36 4.39 -24.28
C VAL A 24 7.49 5.40 -24.18
N GLY A 25 8.48 5.12 -23.33
CA GLY A 25 9.66 5.96 -23.23
C GLY A 25 10.45 5.99 -24.53
N LYS A 26 10.50 4.84 -25.21
CA LYS A 26 11.19 4.74 -26.48
C LYS A 26 10.53 5.62 -27.54
N LYS A 27 9.19 5.68 -27.50
CA LYS A 27 8.46 6.53 -28.43
C LYS A 27 8.73 8.00 -28.12
N PHE A 28 8.77 8.32 -26.83
CA PHE A 28 9.07 9.66 -26.36
C PHE A 28 10.50 10.05 -26.75
N GLU A 29 11.41 9.08 -26.67
CA GLU A 29 12.80 9.31 -27.05
C GLU A 29 12.96 9.53 -28.56
N LYS A 30 12.20 8.77 -29.35
CA LYS A 30 12.26 8.89 -30.81
C LYS A 30 11.76 10.24 -31.31
N ASP A 31 10.78 10.82 -30.62
CA ASP A 31 10.17 12.08 -31.04
C ASP A 31 10.91 13.31 -30.51
N THR A 32 11.41 13.22 -29.28
CA THR A 32 11.96 14.39 -28.60
C THR A 32 13.47 14.30 -28.36
N GLY A 33 14.03 13.10 -28.49
CA GLY A 33 15.44 12.90 -28.24
C GLY A 33 15.78 12.76 -26.76
N ILE A 34 14.77 12.77 -25.90
CA ILE A 34 15.01 12.68 -24.46
C ILE A 34 15.00 11.23 -23.97
N LYS A 35 16.10 10.80 -23.37
CA LYS A 35 16.21 9.43 -22.88
C LYS A 35 15.27 9.19 -21.69
N VAL A 36 14.59 8.05 -21.71
CA VAL A 36 13.70 7.67 -20.64
C VAL A 36 14.14 6.33 -20.08
N THR A 37 14.47 6.31 -18.80
CA THR A 37 14.87 5.08 -18.15
C THR A 37 13.82 4.70 -17.12
N VAL A 38 13.26 3.50 -17.29
CA VAL A 38 12.29 2.97 -16.35
C VAL A 38 12.95 1.97 -15.41
N GLU A 39 12.77 2.18 -14.12
CA GLU A 39 13.31 1.26 -13.13
C GLU A 39 12.24 0.74 -12.19
N HIS A 40 12.53 -0.35 -11.50
CA HIS A 40 11.58 -0.93 -10.55
C HIS A 40 12.31 -1.43 -9.32
N PRO A 41 12.82 -0.50 -8.49
CA PRO A 41 13.62 -0.85 -7.32
C PRO A 41 12.78 -1.55 -6.26
N ASP A 42 13.37 -2.54 -5.59
CA ASP A 42 12.76 -3.20 -4.45
C ASP A 42 12.29 -2.18 -3.42
N LYS A 43 11.10 -2.41 -2.86
CA LYS A 43 10.55 -1.57 -1.80
C LYS A 43 10.63 -0.10 -2.16
N LEU A 44 10.08 0.26 -3.33
CA LEU A 44 10.27 1.61 -3.83
C LEU A 44 9.46 2.62 -3.05
N GLU A 45 8.37 2.17 -2.44
CA GLU A 45 7.52 3.06 -1.64
C GLU A 45 8.21 3.51 -0.34
N GLU A 46 9.24 2.78 0.08
CA GLU A 46 10.02 3.13 1.26
C GLU A 46 11.26 3.85 0.78
N LYS A 47 11.83 3.34 -0.30
CA LYS A 47 13.08 3.86 -0.82
C LYS A 47 12.91 5.29 -1.36
N PHE A 48 11.74 5.59 -1.90
CA PHE A 48 11.51 6.93 -2.45
C PHE A 48 11.63 8.09 -1.45
N PRO A 49 10.93 8.02 -0.30
CA PRO A 49 11.05 9.16 0.62
C PRO A 49 12.41 9.25 1.30
N GLN A 50 13.19 8.18 1.22
CA GLN A 50 14.55 8.21 1.76
C GLN A 50 15.49 8.98 0.85
N VAL A 51 15.42 8.69 -0.44
CA VAL A 51 16.33 9.33 -1.40
C VAL A 51 15.85 10.73 -1.82
N ALA A 52 14.52 10.93 -1.85
CA ALA A 52 13.96 12.20 -2.27
C ALA A 52 14.14 13.28 -1.22
N ALA A 53 14.32 12.87 0.04
CA ALA A 53 14.49 13.80 1.15
C ALA A 53 15.78 14.59 0.99
N THR A 54 16.74 14.01 0.29
CA THR A 54 18.02 14.65 0.05
C THR A 54 18.06 15.27 -1.36
N GLY A 55 16.94 15.25 -2.06
CA GLY A 55 16.86 15.82 -3.39
C GLY A 55 17.36 14.90 -4.50
N ASP A 56 17.44 13.61 -4.20
CA ASP A 56 17.77 12.59 -5.19
C ASP A 56 16.51 11.80 -5.54
N GLY A 57 16.68 10.75 -6.33
CA GLY A 57 15.55 9.91 -6.70
C GLY A 57 15.15 10.07 -8.16
N PRO A 58 14.03 9.45 -8.56
CA PRO A 58 13.59 9.50 -9.95
C PRO A 58 12.94 10.84 -10.25
N ASP A 59 12.79 11.17 -11.53
CA ASP A 59 12.01 12.33 -11.91
C ASP A 59 10.53 12.06 -11.66
N ILE A 60 10.10 10.83 -11.93
CA ILE A 60 8.70 10.42 -11.80
C ILE A 60 8.57 9.16 -10.94
N ILE A 61 7.60 9.17 -10.03
CA ILE A 61 7.36 8.03 -9.17
C ILE A 61 5.92 7.50 -9.33
N PHE A 62 5.78 6.19 -9.56
CA PHE A 62 4.48 5.52 -9.66
C PHE A 62 4.16 4.71 -8.39
N TRP A 63 2.99 4.93 -7.82
CA TRP A 63 2.49 4.11 -6.73
C TRP A 63 1.02 4.41 -6.56
N ALA A 64 0.30 3.59 -5.80
CA ALA A 64 -1.08 3.91 -5.47
C ALA A 64 -1.12 5.20 -4.68
N HIS A 65 -2.23 5.93 -4.79
CA HIS A 65 -2.33 7.27 -4.25
C HIS A 65 -2.21 7.36 -2.73
N ASP A 66 -2.41 6.25 -2.02
CA ASP A 66 -2.47 6.30 -0.55
C ASP A 66 -1.16 6.76 0.11
N ARG A 67 -0.03 6.53 -0.55
CA ARG A 67 1.26 6.98 -0.04
C ARG A 67 1.55 8.45 -0.36
N PHE A 68 0.81 9.04 -1.28
CA PHE A 68 1.20 10.34 -1.84
C PHE A 68 1.04 11.53 -0.90
N GLY A 69 0.15 11.43 0.09
CA GLY A 69 0.02 12.47 1.09
C GLY A 69 1.25 12.55 1.98
N GLY A 70 1.74 11.40 2.42
CA GLY A 70 2.98 11.35 3.19
C GLY A 70 4.13 12.03 2.47
N TYR A 71 4.28 11.72 1.18
CA TYR A 71 5.30 12.33 0.36
C TYR A 71 5.10 13.84 0.26
N ALA A 72 3.86 14.25 0.05
CA ALA A 72 3.53 15.67 -0.11
C ALA A 72 3.77 16.45 1.18
N GLN A 73 3.45 15.83 2.32
CA GLN A 73 3.73 16.40 3.63
C GLN A 73 5.21 16.73 3.77
N SER A 74 6.07 15.83 3.27
CA SER A 74 7.51 16.05 3.33
C SER A 74 8.02 16.93 2.18
N GLY A 75 7.11 17.41 1.34
CA GLY A 75 7.48 18.28 0.25
C GLY A 75 8.30 17.60 -0.84
N LEU A 76 8.11 16.30 -1.01
CA LEU A 76 8.86 15.53 -1.99
C LEU A 76 8.24 15.63 -3.38
N LEU A 77 6.96 16.02 -3.43
CA LEU A 77 6.24 16.09 -4.70
C LEU A 77 6.11 17.53 -5.22
N ALA A 78 6.01 17.65 -6.54
CA ALA A 78 5.69 18.92 -7.18
C ALA A 78 4.20 18.97 -7.45
N GLU A 79 3.62 20.18 -7.41
CA GLU A 79 2.22 20.34 -7.80
C GLU A 79 2.13 20.32 -9.32
N ILE A 80 1.18 19.55 -9.84
CA ILE A 80 1.04 19.39 -11.28
C ILE A 80 0.01 20.39 -11.83
N THR A 81 0.08 20.68 -13.12
CA THR A 81 -0.76 21.72 -13.69
C THR A 81 -1.49 21.36 -14.99
N PRO A 82 -2.28 20.26 -15.00
CA PRO A 82 -3.02 19.93 -16.22
C PRO A 82 -4.17 20.90 -16.49
N ALA A 83 -4.40 21.22 -17.76
CA ALA A 83 -5.46 22.12 -18.16
C ALA A 83 -6.83 21.49 -17.91
N ALA A 84 -7.88 22.31 -17.97
CA ALA A 84 -9.23 21.83 -17.73
C ALA A 84 -9.62 20.77 -18.76
N ALA A 85 -9.24 21.00 -20.02
CA ALA A 85 -9.51 20.05 -21.09
C ALA A 85 -8.81 18.70 -20.87
N PHE A 86 -7.60 18.74 -20.32
CA PHE A 86 -6.94 17.48 -20.01
C PHE A 86 -7.68 16.75 -18.90
N GLN A 87 -8.03 17.50 -17.85
CA GLN A 87 -8.69 16.93 -16.69
C GLN A 87 -10.02 16.24 -17.03
N ASP A 88 -10.68 16.70 -18.10
CA ASP A 88 -11.95 16.13 -18.52
C ASP A 88 -11.81 14.75 -19.18
N LYS A 89 -10.60 14.40 -19.60
CA LYS A 89 -10.34 13.10 -20.18
C LYS A 89 -10.30 11.98 -19.13
N LEU A 90 -10.30 12.38 -17.86
CA LEU A 90 -10.23 11.42 -16.74
C LEU A 90 -11.41 11.58 -15.78
N TYR A 91 -11.75 10.50 -15.08
CA TYR A 91 -12.88 10.55 -14.16
C TYR A 91 -12.58 11.42 -12.95
N PRO A 92 -13.54 12.28 -12.56
CA PRO A 92 -13.44 13.21 -11.42
C PRO A 92 -12.96 12.54 -10.14
N PHE A 93 -13.47 11.34 -9.85
CA PHE A 93 -13.10 10.64 -8.63
C PHE A 93 -11.63 10.23 -8.59
N THR A 94 -10.97 10.19 -9.75
CA THR A 94 -9.55 9.84 -9.76
C THR A 94 -8.68 11.07 -9.45
N TRP A 95 -9.14 12.24 -9.85
CA TRP A 95 -8.47 13.48 -9.48
C TRP A 95 -8.56 13.71 -7.96
N ASP A 96 -9.71 13.38 -7.38
CA ASP A 96 -9.90 13.51 -5.94
C ASP A 96 -8.90 12.70 -5.12
N ALA A 97 -8.54 11.52 -5.63
CA ALA A 97 -7.61 10.62 -4.95
C ALA A 97 -6.19 11.16 -4.93
N VAL A 98 -5.88 12.07 -5.84
CA VAL A 98 -4.55 12.65 -5.92
C VAL A 98 -4.55 14.13 -5.55
N ARG A 99 -5.54 14.54 -4.76
CA ARG A 99 -5.59 15.89 -4.24
C ARG A 99 -5.18 15.88 -2.76
N ASN A 101 -4.52 18.58 0.30
CA ASN A 101 -4.63 19.97 0.75
C ASN A 101 -4.87 20.99 -0.37
N GLY A 102 -5.88 20.72 -1.19
CA GLY A 102 -6.25 21.61 -2.27
C GLY A 102 -5.29 21.66 -3.45
N LYS A 103 -4.27 20.79 -3.44
CA LYS A 103 -3.30 20.78 -4.52
C LYS A 103 -3.24 19.43 -5.22
N LEU A 104 -3.20 19.46 -6.55
CA LEU A 104 -3.00 18.25 -7.34
C LEU A 104 -1.52 17.86 -7.33
N ILE A 105 -1.24 16.63 -6.89
CA ILE A 105 0.13 16.21 -6.65
C ILE A 105 0.51 14.92 -7.39
N ALA A 106 -0.36 14.49 -8.31
CA ALA A 106 -0.08 13.33 -9.15
C ALA A 106 -1.06 13.21 -10.32
N TYR A 107 -0.68 12.46 -11.34
CA TYR A 107 -1.58 12.14 -12.44
C TYR A 107 -2.15 10.73 -12.23
N PRO A 108 -3.48 10.60 -12.22
CA PRO A 108 -4.06 9.26 -12.07
C PRO A 108 -3.90 8.44 -13.35
N ILE A 109 -3.75 7.13 -13.20
CA ILE A 109 -3.50 6.24 -14.31
C ILE A 109 -4.51 5.10 -14.33
N ALA A 110 -4.56 4.34 -13.26
CA ALA A 110 -5.33 3.10 -13.21
C ALA A 110 -6.08 2.98 -11.90
N VAL A 111 -7.31 2.46 -11.97
CA VAL A 111 -8.10 2.21 -10.77
C VAL A 111 -7.99 0.74 -10.40
N GLU A 112 -7.33 0.47 -9.29
CA GLU A 112 -6.99 -0.90 -8.90
C GLU A 112 -7.90 -1.47 -7.81
N ALA A 113 -8.43 -2.67 -8.07
CA ALA A 113 -9.20 -3.39 -7.07
C ALA A 113 -9.00 -4.90 -7.19
N LEU A 114 -8.88 -5.56 -6.03
CA LEU A 114 -8.76 -7.01 -5.97
C LEU A 114 -10.05 -7.73 -6.37
N SER A 115 -9.91 -8.93 -6.91
CA SER A 115 -11.06 -9.76 -7.23
C SER A 115 -10.79 -11.23 -6.93
N LEU A 116 -11.83 -12.04 -6.93
CA LEU A 116 -11.67 -13.47 -6.79
C LEU A 116 -11.36 -14.09 -8.14
N ILE A 117 -10.22 -14.78 -8.23
CA ILE A 117 -9.84 -15.48 -9.46
C ILE A 117 -10.00 -16.97 -9.21
N TYR A 118 -10.65 -17.67 -10.14
CA TYR A 118 -10.97 -19.08 -9.93
C TYR A 118 -10.72 -19.94 -11.16
N ASN A 119 -10.32 -21.19 -10.91
CA ASN A 119 -10.12 -22.19 -11.96
C ASN A 119 -11.47 -22.70 -12.47
N LYS A 120 -11.84 -22.33 -13.69
CA LYS A 120 -13.12 -22.74 -14.27
C LYS A 120 -13.24 -24.25 -14.43
N ASP A 121 -12.16 -24.88 -14.89
CA ASP A 121 -12.15 -26.32 -15.12
C ASP A 121 -11.93 -27.11 -13.82
N LEU A 122 -12.33 -26.51 -12.70
CA LEU A 122 -12.14 -27.14 -11.39
C LEU A 122 -13.21 -26.66 -10.41
N LEU A 123 -13.80 -25.50 -10.73
CA LEU A 123 -14.84 -24.93 -9.88
C LEU A 123 -15.82 -24.08 -10.71
N PRO A 124 -16.84 -24.73 -11.30
CA PRO A 124 -17.84 -24.09 -12.15
C PRO A 124 -18.61 -23.00 -11.41
N ASN A 125 -18.94 -23.27 -10.15
CA ASN A 125 -19.63 -22.30 -9.30
C ASN A 125 -18.76 -21.88 -8.13
N PRO A 126 -18.05 -20.76 -8.27
CA PRO A 126 -17.29 -20.21 -7.14
C PRO A 126 -18.23 -19.90 -5.99
N PRO A 127 -17.77 -20.07 -4.75
CA PRO A 127 -18.62 -19.81 -3.59
C PRO A 127 -18.88 -18.31 -3.40
N LYS A 128 -20.11 -17.95 -3.07
CA LYS A 128 -20.47 -16.55 -2.87
C LYS A 128 -20.13 -16.10 -1.46
N THR A 129 -19.84 -17.05 -0.59
CA THR A 129 -19.59 -16.76 0.82
C THR A 129 -18.22 -17.29 1.25
N TRP A 130 -17.61 -16.61 2.22
CA TRP A 130 -16.38 -17.10 2.85
C TRP A 130 -16.66 -18.33 3.70
N GLU A 131 -17.84 -18.34 4.30
CA GLU A 131 -18.24 -19.38 5.26
C GLU A 131 -18.16 -20.80 4.69
N GLU A 132 -18.52 -20.96 3.42
CA GLU A 132 -18.58 -22.28 2.81
C GLU A 132 -17.25 -22.70 2.19
N ILE A 133 -16.21 -21.93 2.44
CA ILE A 133 -14.88 -22.27 1.95
C ILE A 133 -14.17 -23.37 2.77
N PRO A 134 -14.34 -23.37 4.12
CA PRO A 134 -13.86 -24.54 4.86
C PRO A 134 -14.44 -25.86 4.34
N ALA A 135 -15.76 -25.91 4.14
CA ALA A 135 -16.40 -27.13 3.64
C ALA A 135 -15.92 -27.45 2.22
N LEU A 136 -15.64 -26.41 1.44
CA LEU A 136 -15.17 -26.58 0.07
C LEU A 136 -13.74 -27.11 0.04
N ASP A 137 -12.95 -26.74 1.04
CA ASP A 137 -11.55 -27.12 1.10
C ASP A 137 -11.36 -28.59 1.52
N LYS A 138 -12.31 -29.13 2.28
CA LYS A 138 -12.22 -30.52 2.69
C LYS A 138 -12.48 -31.46 1.52
N GLU A 139 -13.45 -31.10 0.67
CA GLU A 139 -13.83 -31.96 -0.45
C GLU A 139 -12.97 -31.71 -1.69
N LEU A 140 -12.16 -30.65 -1.65
CA LEU A 140 -11.22 -30.40 -2.72
C LEU A 140 -9.88 -31.08 -2.44
N LYS A 141 -9.54 -31.18 -1.16
CA LYS A 141 -8.28 -31.81 -0.76
C LYS A 141 -8.28 -33.32 -1.00
N ALA A 142 -9.46 -33.90 -1.18
CA ALA A 142 -9.58 -35.32 -1.51
C ALA A 142 -9.06 -35.60 -2.92
N LYS A 143 -9.10 -34.57 -3.77
CA LYS A 143 -8.63 -34.69 -5.14
C LYS A 143 -7.21 -34.14 -5.29
N GLY A 144 -6.53 -33.94 -4.17
CA GLY A 144 -5.15 -33.47 -4.18
C GLY A 144 -5.00 -31.99 -4.45
N LYS A 145 -6.10 -31.26 -4.37
CA LYS A 145 -6.10 -29.82 -4.66
C LYS A 145 -6.63 -29.02 -3.48
N SER A 146 -6.22 -27.76 -3.37
CA SER A 146 -6.73 -26.92 -2.28
C SER A 146 -7.76 -25.90 -2.76
N ALA A 147 -8.51 -25.33 -1.83
CA ALA A 147 -9.59 -24.40 -2.18
C ALA A 147 -9.12 -22.98 -2.50
N LEU A 148 -8.32 -22.39 -1.61
CA LEU A 148 -7.92 -20.99 -1.76
C LEU A 148 -6.50 -20.69 -1.28
N MET A 149 -5.71 -20.05 -2.14
CA MET A 149 -4.38 -19.60 -1.76
C MET A 149 -4.14 -18.17 -2.23
N PHE A 150 -3.83 -17.27 -1.30
CA PHE A 150 -3.50 -15.89 -1.66
C PHE A 150 -2.46 -15.30 -0.71
N ASN A 151 -1.84 -14.19 -1.13
CA ASN A 151 -0.75 -13.56 -0.39
C ASN A 151 -1.17 -13.10 1.02
N LEU A 152 -0.62 -13.76 2.04
CA LEU A 152 -0.97 -13.43 3.43
C LEU A 152 0.05 -12.52 4.10
N GLN A 153 1.10 -12.13 3.37
CA GLN A 153 2.14 -11.29 3.93
C GLN A 153 1.83 -9.80 3.82
N GLU A 154 1.14 -9.42 2.74
CA GLU A 154 0.72 -8.03 2.54
C GLU A 154 -0.72 -7.82 3.01
N PRO A 155 -0.94 -6.87 3.93
CA PRO A 155 -2.26 -6.63 4.51
C PRO A 155 -3.31 -6.18 3.49
N TYR A 156 -2.86 -5.67 2.35
CA TYR A 156 -3.73 -5.30 1.24
C TYR A 156 -4.65 -6.46 0.87
N PHE A 157 -4.12 -7.67 0.88
CA PHE A 157 -4.85 -8.83 0.39
C PHE A 157 -5.83 -9.44 1.40
N THR A 158 -5.61 -9.15 2.69
CA THR A 158 -6.47 -9.65 3.75
C THR A 158 -7.49 -8.61 4.21
N TRP A 159 -7.17 -7.34 3.97
CA TRP A 159 -8.05 -6.23 4.33
C TRP A 159 -9.53 -6.33 3.90
N PRO A 160 -9.80 -6.78 2.66
CA PRO A 160 -11.21 -6.91 2.25
C PRO A 160 -12.08 -7.71 3.22
N LEU A 161 -11.55 -8.81 3.74
CA LEU A 161 -12.26 -9.65 4.69
C LEU A 161 -12.37 -8.98 6.05
N ILE A 162 -11.25 -8.39 6.48
CA ILE A 162 -11.19 -7.67 7.75
C ILE A 162 -12.21 -6.53 7.83
N ALA A 163 -12.47 -5.89 6.69
CA ALA A 163 -13.35 -4.72 6.65
C ALA A 163 -14.82 -5.08 6.43
N ALA A 164 -15.07 -6.26 5.88
CA ALA A 164 -16.41 -6.68 5.48
C ALA A 164 -17.47 -6.54 6.58
N ASP A 165 -17.13 -6.97 7.79
CA ASP A 165 -18.08 -6.89 8.91
C ASP A 165 -17.93 -5.61 9.72
N GLY A 166 -17.13 -4.67 9.24
CA GLY A 166 -17.11 -3.36 9.86
C GLY A 166 -15.77 -2.74 10.21
N GLY A 167 -14.69 -3.45 9.91
CA GLY A 167 -13.36 -2.90 10.15
C GLY A 167 -13.09 -1.76 9.19
N TYR A 168 -12.46 -0.69 9.66
CA TYR A 168 -12.13 0.44 8.81
C TYR A 168 -10.79 1.05 9.22
N ALA A 169 -10.20 1.83 8.32
CA ALA A 169 -8.94 2.50 8.60
C ALA A 169 -9.08 3.74 9.47
N PHE A 170 -9.54 4.83 8.86
CA PHE A 170 -9.79 6.07 9.56
C PHE A 170 -11.21 6.50 9.26
N LYS A 171 -11.92 6.97 10.27
CA LYS A 171 -13.33 7.34 10.09
C LYS A 171 -13.46 8.60 9.25
N ALA A 173 -15.36 11.69 8.12
CA ALA A 173 -16.30 12.55 8.84
C ALA A 173 -16.86 13.67 7.96
N ALA A 174 -17.62 13.29 6.94
CA ALA A 174 -18.26 14.24 6.02
C ALA A 174 -17.29 15.27 5.46
N GLY A 175 -16.32 14.81 4.68
CA GLY A 175 -15.36 15.69 4.06
C GLY A 175 -13.91 15.37 4.38
N LYS A 176 -13.66 14.88 5.59
CA LYS A 176 -12.29 14.59 6.03
C LYS A 176 -12.18 13.26 6.78
N TYR A 177 -10.97 12.97 7.24
CA TYR A 177 -10.70 11.78 8.02
C TYR A 177 -10.24 12.16 9.42
N ASP A 178 -10.72 11.42 10.42
CA ASP A 178 -10.33 11.65 11.81
C ASP A 178 -9.21 10.68 12.19
N ILE A 179 -8.01 11.21 12.37
CA ILE A 179 -6.83 10.39 12.61
C ILE A 179 -6.74 9.85 14.04
N LYS A 180 -7.80 10.07 14.82
CA LYS A 180 -7.86 9.52 16.16
C LYS A 180 -8.89 8.41 16.23
N ASP A 181 -9.71 8.31 15.19
CA ASP A 181 -10.76 7.28 15.12
C ASP A 181 -10.35 6.13 14.18
N VAL A 182 -9.60 5.18 14.72
CA VAL A 182 -9.17 4.02 13.96
C VAL A 182 -10.13 2.87 14.23
N GLY A 183 -10.38 2.05 13.20
CA GLY A 183 -11.34 0.97 13.34
C GLY A 183 -10.75 -0.40 13.07
N VAL A 184 -9.52 -0.63 13.53
CA VAL A 184 -8.88 -1.92 13.35
C VAL A 184 -9.10 -2.80 14.57
N ASP A 185 -9.75 -2.26 15.59
CA ASP A 185 -9.92 -2.96 16.85
C ASP A 185 -11.37 -3.30 17.16
N ASN A 186 -12.30 -2.85 16.31
CA ASN A 186 -13.72 -3.12 16.54
C ASN A 186 -14.10 -4.59 16.30
N ALA A 187 -15.38 -4.89 16.52
CA ALA A 187 -15.87 -6.27 16.45
C ALA A 187 -15.83 -6.84 15.03
N GLY A 188 -16.13 -6.00 14.04
CA GLY A 188 -16.10 -6.42 12.66
C GLY A 188 -14.69 -6.79 12.22
N ALA A 189 -13.73 -6.00 12.67
CA ALA A 189 -12.32 -6.26 12.37
C ALA A 189 -11.88 -7.54 13.06
N LYS A 190 -12.27 -7.69 14.33
CA LYS A 190 -11.92 -8.88 15.09
C LYS A 190 -12.49 -10.14 14.46
N ALA A 191 -13.74 -10.06 14.01
CA ALA A 191 -14.42 -11.23 13.43
C ALA A 191 -13.86 -11.64 12.07
N GLY A 192 -13.51 -10.65 11.24
CA GLY A 192 -12.92 -10.95 9.94
C GLY A 192 -11.57 -11.61 10.07
N LEU A 193 -10.75 -11.09 10.99
CA LEU A 193 -9.41 -11.63 11.18
C LEU A 193 -9.46 -12.97 11.89
N THR A 194 -10.40 -13.11 12.82
CA THR A 194 -10.57 -14.37 13.55
C THR A 194 -10.95 -15.47 12.56
N PHE A 195 -11.73 -15.11 11.55
CA PHE A 195 -12.05 -16.07 10.51
C PHE A 195 -10.78 -16.48 9.77
N LEU A 196 -9.94 -15.51 9.46
CA LEU A 196 -8.72 -15.77 8.72
C LEU A 196 -7.82 -16.70 9.51
N VAL A 197 -7.67 -16.41 10.80
CA VAL A 197 -6.86 -17.23 11.69
C VAL A 197 -7.44 -18.62 11.84
N ASP A 198 -8.76 -18.70 11.98
CA ASP A 198 -9.44 -20.00 12.09
C ASP A 198 -9.24 -20.85 10.84
N LEU A 199 -9.20 -20.22 9.68
CA LEU A 199 -8.90 -20.92 8.44
C LEU A 199 -7.54 -21.60 8.55
N ILE A 200 -6.61 -20.91 9.21
CA ILE A 200 -5.24 -21.41 9.37
C ILE A 200 -5.14 -22.49 10.45
N LYS A 201 -5.81 -22.29 11.59
CA LYS A 201 -5.86 -23.30 12.64
C LYS A 201 -6.46 -24.59 12.11
N ASN A 202 -7.53 -24.46 11.32
CA ASN A 202 -8.18 -25.59 10.69
C ASN A 202 -7.42 -26.04 9.43
N LYS A 203 -6.28 -25.41 9.19
CA LYS A 203 -5.36 -25.80 8.13
C LYS A 203 -5.97 -25.76 6.71
N HIS A 204 -6.86 -24.79 6.49
CA HIS A 204 -7.37 -24.53 5.15
C HIS A 204 -6.44 -23.55 4.44
N MET A 205 -5.73 -22.75 5.23
CA MET A 205 -4.65 -21.91 4.71
C MET A 205 -3.44 -22.02 5.62
N ASN A 206 -2.29 -21.55 5.13
CA ASN A 206 -1.08 -21.49 5.92
C ASN A 206 -0.53 -20.07 5.99
N ALA A 207 0.01 -19.71 7.14
CA ALA A 207 0.46 -18.35 7.38
C ALA A 207 1.68 -17.97 6.54
N ASP A 208 2.37 -18.98 6.02
CA ASP A 208 3.61 -18.80 5.27
C ASP A 208 3.36 -18.33 3.85
N THR A 209 2.12 -18.47 3.38
CA THR A 209 1.78 -18.17 1.99
C THR A 209 2.04 -16.72 1.61
N ASP A 210 2.80 -16.51 0.55
CA ASP A 210 3.07 -15.18 0.03
C ASP A 210 2.63 -15.09 -1.43
N SER A 212 4.54 -15.41 -4.20
CA SER A 212 5.19 -16.42 -5.05
C SER A 212 4.55 -17.80 -4.91
N ILE A 213 4.23 -18.18 -3.68
CA ILE A 213 3.62 -19.48 -3.43
C ILE A 213 2.18 -19.50 -3.96
N ALA A 214 1.45 -18.42 -3.71
CA ALA A 214 0.06 -18.33 -4.14
C ALA A 214 -0.10 -18.34 -5.66
N GLU A 215 0.79 -17.62 -6.35
CA GLU A 215 0.71 -17.50 -7.80
C GLU A 215 1.03 -18.82 -8.51
N ALA A 216 2.11 -19.47 -8.07
CA ALA A 216 2.52 -20.74 -8.68
C ALA A 216 1.47 -21.83 -8.48
N ALA A 217 0.92 -21.89 -7.27
CA ALA A 217 -0.07 -22.90 -6.93
C ALA A 217 -1.32 -22.84 -7.82
N PHE A 218 -1.80 -21.63 -8.06
CA PHE A 218 -2.98 -21.44 -8.91
C PHE A 218 -2.68 -21.75 -10.37
N ASN A 219 -1.58 -21.21 -10.87
CA ASN A 219 -1.22 -21.37 -12.28
C ASN A 219 -0.73 -22.77 -12.63
N LYS A 220 -0.57 -23.62 -11.62
CA LYS A 220 -0.27 -25.03 -11.84
C LYS A 220 -1.53 -25.88 -11.71
N GLY A 221 -2.61 -25.27 -11.24
CA GLY A 221 -3.86 -25.96 -11.04
C GLY A 221 -3.88 -26.72 -9.72
N GLU A 222 -3.03 -26.31 -8.79
CA GLU A 222 -2.91 -26.97 -7.50
C GLU A 222 -3.90 -26.43 -6.48
N THR A 223 -4.40 -25.23 -6.74
CA THR A 223 -5.41 -24.63 -5.87
C THR A 223 -6.56 -24.08 -6.71
N ALA A 224 -7.76 -24.11 -6.15
CA ALA A 224 -8.97 -23.76 -6.89
C ALA A 224 -9.13 -22.25 -7.10
N MET A 225 -8.69 -21.47 -6.12
CA MET A 225 -8.93 -20.03 -6.13
C MET A 225 -7.72 -19.21 -5.66
N THR A 226 -7.72 -17.94 -6.04
CA THR A 226 -6.78 -16.97 -5.48
C THR A 226 -7.41 -15.58 -5.48
N ILE A 227 -6.78 -14.65 -4.78
CA ILE A 227 -7.24 -13.27 -4.72
C ILE A 227 -6.11 -12.38 -5.19
N ASN A 228 -6.36 -11.63 -6.26
CA ASN A 228 -5.33 -10.75 -6.80
C ASN A 228 -5.91 -9.60 -7.61
N GLY A 229 -5.01 -8.75 -8.09
CA GLY A 229 -5.38 -7.63 -8.94
C GLY A 229 -5.08 -7.95 -10.39
N PRO A 230 -5.50 -7.05 -11.29
CA PRO A 230 -5.43 -7.23 -12.74
C PRO A 230 -4.03 -7.51 -13.26
N TRP A 231 -3.01 -6.95 -12.61
CA TRP A 231 -1.63 -7.11 -13.06
C TRP A 231 -1.24 -8.58 -13.16
N ALA A 232 -1.94 -9.43 -12.41
CA ALA A 232 -1.64 -10.86 -12.36
C ALA A 232 -2.28 -11.68 -13.49
N TRP A 233 -3.12 -11.04 -14.30
CA TRP A 233 -3.87 -11.75 -15.35
C TRP A 233 -2.97 -12.33 -16.44
N SER A 234 -1.87 -11.64 -16.75
CA SER A 234 -0.95 -12.10 -17.79
C SER A 234 -0.35 -13.47 -17.50
N ASN A 235 0.14 -13.66 -16.28
CA ASN A 235 0.77 -14.91 -15.87
C ASN A 235 -0.19 -16.10 -15.89
N ILE A 236 -1.48 -15.83 -15.65
CA ILE A 236 -2.50 -16.87 -15.75
C ILE A 236 -2.83 -17.17 -17.22
N ASP A 237 -2.83 -16.13 -18.05
CA ASP A 237 -3.06 -16.29 -19.49
C ASP A 237 -2.05 -17.25 -20.11
N THR A 238 -0.77 -16.93 -19.92
CA THR A 238 0.31 -17.69 -20.49
C THR A 238 0.36 -19.13 -19.98
N SER A 239 -0.27 -19.38 -18.83
CA SER A 239 -0.36 -20.74 -18.30
C SER A 239 -1.53 -21.50 -18.91
N ALA A 240 -2.24 -20.85 -19.84
CA ALA A 240 -3.34 -21.47 -20.59
C ALA A 240 -4.49 -21.99 -19.72
N VAL A 241 -4.41 -21.74 -18.41
CA VAL A 241 -5.45 -22.15 -17.47
C VAL A 241 -6.74 -21.41 -17.80
N ASN A 242 -7.86 -22.11 -17.76
CA ASN A 242 -9.16 -21.48 -17.96
C ASN A 242 -9.69 -20.94 -16.63
N GLY A 244 -11.76 -17.50 -14.39
CA GLY A 244 -12.71 -16.41 -14.38
C GLY A 244 -12.41 -15.41 -13.29
N VAL A 245 -12.89 -14.19 -13.45
CA VAL A 245 -12.74 -13.14 -12.45
C VAL A 245 -14.13 -12.72 -12.00
N THR A 246 -14.37 -12.69 -10.69
CA THR A 246 -15.69 -12.38 -10.19
C THR A 246 -15.68 -11.69 -8.83
N VAL A 247 -16.88 -11.28 -8.39
CA VAL A 247 -17.09 -10.67 -7.09
C VAL A 247 -16.47 -11.49 -5.96
N LEU A 248 -15.77 -10.81 -5.06
CA LEU A 248 -15.23 -11.46 -3.87
C LEU A 248 -16.35 -12.06 -3.03
N PRO A 249 -16.07 -13.18 -2.33
CA PRO A 249 -17.11 -13.82 -1.52
C PRO A 249 -17.51 -12.94 -0.34
N THR A 250 -18.74 -13.10 0.14
CA THR A 250 -19.22 -12.30 1.26
C THR A 250 -18.80 -12.92 2.58
N PHE A 251 -18.77 -12.08 3.61
CA PHE A 251 -18.52 -12.54 4.97
C PHE A 251 -19.67 -12.06 5.84
N LYS A 252 -20.40 -13.01 6.42
CA LYS A 252 -21.59 -12.72 7.23
C LYS A 252 -22.61 -11.89 6.46
N GLY A 253 -22.84 -12.24 5.19
CA GLY A 253 -23.86 -11.60 4.39
C GLY A 253 -23.46 -10.22 3.87
N GLN A 254 -22.26 -9.78 4.26
CA GLN A 254 -21.75 -8.48 3.85
C GLN A 254 -20.65 -8.67 2.82
N PRO A 255 -20.63 -7.81 1.79
CA PRO A 255 -19.58 -7.88 0.77
C PRO A 255 -18.17 -7.62 1.33
N SER A 256 -17.18 -8.30 0.76
CA SER A 256 -15.79 -8.00 1.03
C SER A 256 -15.53 -6.60 0.52
N LYS A 257 -14.85 -5.78 1.33
CA LYS A 257 -14.65 -4.37 1.00
C LYS A 257 -13.19 -4.07 0.75
N PRO A 258 -12.74 -4.24 -0.50
CA PRO A 258 -11.34 -3.99 -0.78
C PRO A 258 -11.03 -2.50 -0.71
N PHE A 259 -9.82 -2.16 -0.31
CA PHE A 259 -9.33 -0.79 -0.38
C PHE A 259 -8.87 -0.51 -1.81
N VAL A 260 -9.50 0.45 -2.47
CA VAL A 260 -9.19 0.75 -3.86
C VAL A 260 -8.01 1.71 -3.97
N GLY A 261 -7.06 1.34 -4.81
CA GLY A 261 -5.92 2.19 -5.09
C GLY A 261 -5.99 2.80 -6.48
N VAL A 262 -5.66 4.07 -6.57
CA VAL A 262 -5.50 4.70 -7.86
C VAL A 262 -4.01 4.80 -8.13
N LEU A 263 -3.52 3.89 -8.97
CA LEU A 263 -2.14 3.95 -9.43
C LEU A 263 -1.92 5.32 -10.06
N SER A 264 -0.89 6.02 -9.59
CA SER A 264 -0.70 7.43 -9.95
C SER A 264 0.77 7.77 -10.18
N ALA A 265 1.01 8.83 -10.93
CA ALA A 265 2.36 9.26 -11.28
C ALA A 265 2.69 10.65 -10.73
N GLY A 266 3.56 10.69 -9.73
CA GLY A 266 3.98 11.95 -9.14
C GLY A 266 5.32 12.42 -9.68
N ILE A 267 5.54 13.73 -9.64
CA ILE A 267 6.79 14.30 -10.11
C ILE A 267 7.61 14.80 -8.92
N ASN A 268 8.84 14.32 -8.83
CA ASN A 268 9.77 14.69 -7.77
C ASN A 268 9.90 16.22 -7.69
N ALA A 269 9.79 16.75 -6.48
CA ALA A 269 9.90 18.18 -6.26
C ALA A 269 11.27 18.72 -6.66
N ALA A 270 12.30 17.88 -6.50
CA ALA A 270 13.68 18.29 -6.80
C ALA A 270 14.08 18.06 -8.25
N SER A 271 13.13 17.58 -9.07
CA SER A 271 13.41 17.32 -10.47
C SER A 271 13.55 18.59 -11.31
N PRO A 272 14.57 18.63 -12.17
CA PRO A 272 14.78 19.74 -13.10
C PRO A 272 14.07 19.53 -14.43
N ASN A 273 13.29 18.46 -14.51
CA ASN A 273 12.63 18.08 -15.76
C ASN A 273 11.12 17.97 -15.64
N LYS A 274 10.52 18.85 -14.84
CA LYS A 274 9.08 18.80 -14.58
C LYS A 274 8.23 18.97 -15.85
N GLU A 275 8.67 19.82 -16.77
CA GLU A 275 7.94 20.01 -18.02
C GLU A 275 8.03 18.76 -18.90
N LEU A 276 9.21 18.17 -18.96
CA LEU A 276 9.40 16.93 -19.72
C LEU A 276 8.48 15.83 -19.16
N ALA A 277 8.40 15.74 -17.84
CA ALA A 277 7.56 14.75 -17.18
C ALA A 277 6.09 14.95 -17.52
N LYS A 278 5.64 16.19 -17.45
CA LYS A 278 4.28 16.56 -17.82
C LYS A 278 3.96 16.15 -19.26
N GLU A 279 4.87 16.47 -20.18
CA GLU A 279 4.69 16.10 -21.58
C GLU A 279 4.59 14.59 -21.77
N PHE A 280 5.47 13.85 -21.07
CA PHE A 280 5.49 12.40 -21.18
C PHE A 280 4.19 11.78 -20.65
N LEU A 281 3.75 12.24 -19.50
CA LEU A 281 2.56 11.71 -18.86
C LEU A 281 1.26 12.12 -19.57
N GLU A 282 1.16 13.37 -19.98
CA GLU A 282 -0.06 13.84 -20.62
C GLU A 282 -0.18 13.41 -22.08
N ASN A 283 0.85 13.69 -22.87
CA ASN A 283 0.78 13.46 -24.31
C ASN A 283 1.09 12.02 -24.73
N TYR A 284 1.87 11.30 -23.92
CA TYR A 284 2.33 9.97 -24.32
C TYR A 284 1.74 8.83 -23.51
N LEU A 285 1.86 8.88 -22.19
CA LEU A 285 1.35 7.78 -21.37
C LEU A 285 -0.18 7.76 -21.31
N LEU A 286 -0.78 8.91 -21.01
CA LEU A 286 -2.23 9.00 -20.85
C LEU A 286 -2.97 9.17 -22.19
N THR A 287 -2.77 8.19 -23.07
CA THR A 287 -3.47 8.08 -24.34
C THR A 287 -3.90 6.63 -24.50
N ASP A 288 -4.79 6.36 -25.45
CA ASP A 288 -5.26 5.00 -25.70
C ASP A 288 -4.10 4.04 -25.98
N GLU A 289 -3.16 4.46 -26.82
CA GLU A 289 -2.04 3.61 -27.22
C GLU A 289 -0.98 3.45 -26.13
N GLY A 290 -0.78 4.51 -25.35
CA GLY A 290 0.18 4.48 -24.27
C GLY A 290 -0.27 3.52 -23.18
N LEU A 291 -1.56 3.58 -22.87
CA LEU A 291 -2.12 2.74 -21.82
C LEU A 291 -2.16 1.27 -22.27
N GLU A 292 -2.42 1.05 -23.55
CA GLU A 292 -2.42 -0.30 -24.11
C GLU A 292 -1.02 -0.90 -24.16
N ALA A 293 -0.01 -0.05 -24.40
CA ALA A 293 1.37 -0.51 -24.43
C ALA A 293 1.75 -1.12 -23.08
N VAL A 294 1.37 -0.44 -22.00
CA VAL A 294 1.60 -0.96 -20.65
C VAL A 294 0.78 -2.22 -20.40
N ASN A 295 -0.47 -2.19 -20.85
CA ASN A 295 -1.41 -3.28 -20.64
C ASN A 295 -1.01 -4.59 -21.29
N LYS A 296 -0.29 -4.50 -22.40
CA LYS A 296 0.21 -5.69 -23.10
C LYS A 296 1.19 -6.46 -22.22
N ASP A 297 1.90 -5.71 -21.37
CA ASP A 297 2.90 -6.31 -20.49
C ASP A 297 2.22 -6.84 -19.23
N LYS A 298 1.70 -5.93 -18.43
CA LYS A 298 0.86 -6.31 -17.30
C LYS A 298 -0.41 -5.50 -17.41
N PRO A 299 -1.57 -6.16 -17.27
CA PRO A 299 -2.83 -5.44 -17.36
C PRO A 299 -2.96 -4.40 -16.24
N LEU A 300 -3.33 -3.18 -16.61
CA LEU A 300 -3.62 -2.12 -15.66
C LEU A 300 -4.95 -2.39 -14.95
N GLY A 301 -5.84 -3.06 -15.65
CA GLY A 301 -7.20 -3.26 -15.17
C GLY A 301 -8.08 -2.13 -15.65
N ALA A 302 -8.96 -1.65 -14.78
CA ALA A 302 -9.74 -0.46 -15.09
C ALA A 302 -8.81 0.75 -15.03
N VAL A 303 -9.11 1.77 -15.81
CA VAL A 303 -8.21 2.91 -15.89
C VAL A 303 -8.96 4.22 -15.69
N ALA A 304 -8.19 5.30 -15.53
CA ALA A 304 -8.77 6.63 -15.28
C ALA A 304 -9.17 7.33 -16.57
N LEU A 305 -8.49 7.03 -17.67
CA LEU A 305 -8.78 7.67 -18.95
C LEU A 305 -10.15 7.23 -19.48
N LYS A 306 -11.03 8.20 -19.68
CA LYS A 306 -12.40 7.92 -20.13
C LYS A 306 -12.45 7.13 -21.44
N SER A 307 -11.76 7.63 -22.45
CA SER A 307 -11.80 7.03 -23.79
C SER A 307 -11.32 5.57 -23.81
N GLU A 309 -11.33 3.47 -21.09
CA GLU A 309 -12.14 2.61 -20.21
C GLU A 309 -13.42 2.12 -20.88
N GLU A 310 -13.95 2.93 -21.80
CA GLU A 310 -15.13 2.56 -22.57
C GLU A 310 -14.84 1.36 -23.46
N GLU A 311 -13.63 1.29 -23.98
CA GLU A 311 -13.18 0.16 -24.78
C GLU A 311 -12.92 -1.08 -23.92
N LEU A 312 -12.70 -0.87 -22.63
CA LEU A 312 -12.45 -1.98 -21.69
C LEU A 312 -13.74 -2.46 -21.04
N ALA A 313 -14.82 -1.72 -21.26
CA ALA A 313 -16.13 -2.03 -20.70
C ALA A 313 -16.63 -3.42 -21.09
N LYS A 314 -16.43 -3.78 -22.36
CA LYS A 314 -16.87 -5.06 -22.89
C LYS A 314 -16.14 -6.26 -22.29
N ASP A 315 -15.19 -6.02 -21.40
CA ASP A 315 -14.40 -7.07 -20.78
C ASP A 315 -15.02 -7.44 -19.44
N PRO A 316 -15.45 -8.71 -19.29
CA PRO A 316 -16.06 -9.21 -18.06
C PRO A 316 -15.11 -9.12 -16.87
N ARG A 317 -13.80 -9.23 -17.12
CA ARG A 317 -12.80 -9.15 -16.05
C ARG A 317 -12.73 -7.73 -15.48
N ILE A 318 -12.86 -6.73 -16.36
CA ILE A 318 -12.87 -5.34 -15.94
C ILE A 318 -14.15 -5.01 -15.17
N ALA A 319 -15.27 -5.55 -15.62
CA ALA A 319 -16.55 -5.32 -14.96
C ALA A 319 -16.54 -5.89 -13.54
N ALA A 320 -15.97 -7.08 -13.41
CA ALA A 320 -15.81 -7.70 -12.08
C ALA A 320 -14.93 -6.82 -11.20
N THR A 321 -13.93 -6.19 -11.81
CA THR A 321 -13.02 -5.32 -11.08
C THR A 321 -13.74 -4.09 -10.52
N MET A 322 -14.51 -3.41 -11.35
CA MET A 322 -15.22 -2.21 -10.91
C MET A 322 -16.36 -2.53 -9.94
N GLU A 323 -16.95 -3.71 -10.08
CA GLU A 323 -17.95 -4.19 -9.14
C GLU A 323 -17.33 -4.34 -7.75
N ASN A 324 -16.17 -4.99 -7.70
CA ASN A 324 -15.46 -5.22 -6.46
C ASN A 324 -15.00 -3.90 -5.83
N ALA A 325 -14.58 -2.98 -6.68
CA ALA A 325 -14.15 -1.65 -6.26
C ALA A 325 -15.31 -0.87 -5.64
N GLN A 326 -16.45 -0.89 -6.31
CA GLN A 326 -17.62 -0.14 -5.87
C GLN A 326 -18.19 -0.67 -4.54
N LYS A 327 -17.82 -1.90 -4.19
CA LYS A 327 -18.24 -2.46 -2.92
C LYS A 327 -17.16 -2.24 -1.84
N GLY A 328 -16.07 -1.61 -2.24
CA GLY A 328 -15.01 -1.28 -1.31
C GLY A 328 -14.91 0.21 -1.09
N GLU A 329 -13.74 0.66 -0.65
CA GLU A 329 -13.49 2.07 -0.40
C GLU A 329 -12.25 2.57 -1.13
N ILE A 330 -12.31 3.80 -1.64
CA ILE A 330 -11.12 4.47 -2.11
C ILE A 330 -10.26 4.80 -0.90
N MET A 331 -8.99 4.43 -0.93
CA MET A 331 -8.09 4.67 0.19
C MET A 331 -7.94 6.15 0.46
N PRO A 332 -7.78 6.51 1.75
CA PRO A 332 -7.37 7.87 2.08
C PRO A 332 -5.96 8.10 1.54
N ASN A 333 -5.59 9.34 1.32
CA ASN A 333 -4.22 9.64 0.95
C ASN A 333 -3.42 10.29 2.09
N ILE A 334 -3.99 10.31 3.29
CA ILE A 334 -3.40 11.07 4.41
C ILE A 334 -2.04 10.48 4.84
N PRO A 335 -1.18 11.31 5.46
CA PRO A 335 0.19 10.86 5.80
C PRO A 335 0.21 9.70 6.78
N GLN A 336 -0.85 9.53 7.56
CA GLN A 336 -0.94 8.48 8.56
C GLN A 336 -1.20 7.08 7.97
N MET A 337 -1.39 6.98 6.66
CA MET A 337 -1.67 5.68 6.04
C MET A 337 -0.50 4.69 6.15
N SER A 338 0.72 5.21 6.08
CA SER A 338 1.91 4.36 6.20
C SER A 338 1.92 3.64 7.53
N ALA A 339 1.55 4.36 8.58
CA ALA A 339 1.46 3.81 9.93
C ALA A 339 0.31 2.83 10.05
N PHE A 340 -0.82 3.15 9.41
CA PHE A 340 -1.95 2.23 9.32
C PHE A 340 -1.53 0.88 8.73
N TRP A 341 -0.85 0.93 7.58
CA TRP A 341 -0.44 -0.28 6.90
C TRP A 341 0.57 -1.10 7.69
N ALA A 343 0.83 -1.09 10.91
CA ALA A 343 0.05 -1.66 12.01
C ALA A 343 -0.72 -2.92 11.62
N VAL A 344 -1.35 -2.89 10.45
CA VAL A 344 -2.14 -4.03 10.00
C VAL A 344 -1.26 -5.18 9.50
N ARG A 345 -0.16 -4.85 8.85
CA ARG A 345 0.81 -5.86 8.41
C ARG A 345 1.27 -6.68 9.60
N THR A 346 1.62 -6.00 10.68
CA THR A 346 2.12 -6.63 11.89
C THR A 346 1.04 -7.46 12.60
N ALA A 347 -0.16 -6.90 12.69
CA ALA A 347 -1.26 -7.58 13.37
C ALA A 347 -1.64 -8.89 12.68
N VAL A 348 -1.65 -8.88 11.35
CA VAL A 348 -2.03 -10.08 10.60
C VAL A 348 -0.99 -11.17 10.73
N ILE A 349 0.27 -10.83 10.47
CA ILE A 349 1.36 -11.78 10.55
C ILE A 349 1.48 -12.41 11.94
N ASN A 350 1.25 -11.62 12.98
CA ASN A 350 1.37 -12.12 14.36
C ASN A 350 0.22 -13.04 14.76
N ALA A 351 -0.98 -12.66 14.39
CA ALA A 351 -2.16 -13.47 14.68
C ALA A 351 -2.11 -14.75 13.85
N ALA A 352 -1.80 -14.61 12.56
CA ALA A 352 -1.74 -15.75 11.66
C ALA A 352 -0.64 -16.73 12.03
N SER A 353 0.44 -16.24 12.62
CA SER A 353 1.56 -17.10 13.00
C SER A 353 1.38 -17.66 14.40
N GLY A 354 0.46 -17.07 15.15
CA GLY A 354 0.14 -17.56 16.48
C GLY A 354 0.93 -16.94 17.62
N ARG A 355 1.77 -15.95 17.31
CA ARG A 355 2.55 -15.31 18.36
C ARG A 355 1.77 -14.22 19.10
N GLN A 356 0.58 -13.92 18.60
CA GLN A 356 -0.38 -13.08 19.31
C GLN A 356 -1.80 -13.60 19.06
N THR A 357 -2.70 -13.33 20.02
CA THR A 357 -4.11 -13.59 19.77
C THR A 357 -4.64 -12.51 18.85
N VAL A 358 -5.79 -12.76 18.25
CA VAL A 358 -6.43 -11.77 17.38
C VAL A 358 -6.71 -10.49 18.17
N ASP A 359 -7.12 -10.67 19.42
CA ASP A 359 -7.45 -9.53 20.27
C ASP A 359 -6.21 -8.72 20.64
N ALA A 360 -5.13 -9.41 20.95
CA ALA A 360 -3.88 -8.75 21.31
C ALA A 360 -3.21 -8.13 20.08
N ALA A 361 -3.29 -8.85 18.95
CA ALA A 361 -2.72 -8.34 17.71
C ALA A 361 -3.42 -7.06 17.27
N LEU A 362 -4.75 -7.02 17.37
CA LEU A 362 -5.51 -5.87 16.94
C LEU A 362 -5.48 -4.73 17.95
N ALA A 363 -5.37 -5.08 19.24
CA ALA A 363 -5.22 -4.09 20.30
C ALA A 363 -3.97 -3.26 20.07
N ALA A 364 -2.88 -3.92 19.73
CA ALA A 364 -1.62 -3.25 19.42
C ALA A 364 -1.73 -2.40 18.15
N ALA A 365 -2.43 -2.93 17.14
CA ALA A 365 -2.60 -2.22 15.87
C ALA A 365 -3.26 -0.86 16.08
N GLN A 366 -4.26 -0.82 16.94
CA GLN A 366 -4.95 0.41 17.31
C GLN A 366 -3.96 1.49 17.77
N THR A 367 -2.90 1.05 18.46
CA THR A 367 -1.89 1.96 18.98
C THR A 367 -0.81 2.25 17.94
N ASN A 368 -0.36 1.21 17.24
CA ASN A 368 0.63 1.39 16.18
C ASN A 368 0.12 2.29 15.06
N ALA A 369 -1.18 2.25 14.80
CA ALA A 369 -1.80 3.04 13.74
C ALA A 369 -1.70 4.54 14.02
N VAL A 370 -1.61 4.89 15.30
CA VAL A 370 -1.55 6.29 15.69
C VAL A 370 -0.14 6.37 16.28
N ASP A 371 0.84 6.28 15.39
CA ASP A 371 2.27 6.40 15.69
C ASP A 371 2.74 7.72 16.29
N ALA A 372 2.57 8.78 15.52
CA ALA A 372 3.10 10.10 15.85
C ALA A 372 2.49 10.63 17.14
N ALA A 373 1.19 10.45 17.29
CA ALA A 373 0.49 10.90 18.49
C ALA A 373 1.09 10.26 19.73
N PHE A 374 1.34 8.96 19.67
CA PHE A 374 1.86 8.20 20.80
C PHE A 374 3.20 8.74 21.32
N VAL A 375 4.07 9.13 20.41
CA VAL A 375 5.41 9.59 20.79
C VAL A 375 5.37 10.96 21.47
N LYS A 376 4.61 11.87 20.90
CA LYS A 376 4.48 13.21 21.45
C LYS A 376 3.80 13.17 22.82
N GLU A 377 2.80 12.31 22.95
CA GLU A 377 2.03 12.19 24.18
C GLU A 377 2.81 11.54 25.31
N ASN A 378 3.73 10.64 24.95
CA ASN A 378 4.60 10.01 25.94
C ASN A 378 5.99 10.62 25.96
N HIS A 379 6.10 11.89 25.58
CA HIS A 379 7.39 12.58 25.50
C HIS A 379 8.19 12.54 26.79
N ARG A 380 7.50 12.72 27.92
CA ARG A 380 8.15 12.81 29.23
C ARG A 380 8.79 11.50 29.66
N GLN A 381 8.05 10.40 29.49
CA GLN A 381 8.52 9.09 29.93
C GLN A 381 9.63 8.55 29.04
N LEU A 382 9.53 8.83 27.74
CA LEU A 382 10.53 8.37 26.77
C LEU A 382 11.89 8.98 27.07
N GLN A 383 11.89 10.29 27.35
CA GLN A 383 13.10 11.00 27.71
C GLN A 383 13.87 10.31 28.83
N ALA A 384 13.14 9.72 29.78
CA ALA A 384 13.74 9.11 30.95
C ALA A 384 14.19 7.66 30.75
N ARG A 385 13.39 6.88 30.03
CA ARG A 385 13.57 5.44 30.00
C ARG A 385 14.09 4.84 28.70
N MET A 386 14.29 5.67 27.68
CA MET A 386 14.68 5.18 26.37
C MET A 386 16.01 4.43 26.35
N GLY A 387 17.04 5.03 26.92
CA GLY A 387 18.32 4.35 27.00
C GLY A 387 19.23 4.59 25.81
N ASP A 388 20.02 3.58 25.48
CA ASP A 388 21.05 3.72 24.45
C ASP A 388 20.45 3.91 23.04
N LEU A 389 20.87 5.00 22.40
CA LEU A 389 20.27 5.48 21.18
C LEU A 389 20.98 4.99 19.91
N LYS A 390 22.09 4.29 20.07
CA LYS A 390 22.95 3.88 18.96
C LYS A 390 22.19 3.17 17.84
N GLY A 391 21.41 2.17 18.18
CA GLY A 391 20.61 1.44 17.20
C GLY A 391 19.50 2.30 16.62
N VAL A 392 18.84 3.06 17.48
CA VAL A 392 17.80 3.99 17.06
C VAL A 392 18.38 5.07 16.13
N LEU A 393 19.50 5.66 16.53
CA LEU A 393 20.15 6.68 15.70
C LEU A 393 20.55 6.14 14.34
N ASP A 394 21.07 4.91 14.32
CA ASP A 394 21.41 4.22 13.09
C ASP A 394 20.17 4.05 12.22
N ASP A 395 19.09 3.54 12.83
CA ASP A 395 17.81 3.37 12.12
C ASP A 395 17.39 4.68 11.45
N LEU A 396 17.37 5.75 12.23
CA LEU A 396 16.95 7.06 11.73
C LEU A 396 17.85 7.56 10.61
N GLN A 397 19.12 7.18 10.67
CA GLN A 397 20.09 7.61 9.68
C GLN A 397 20.01 6.75 8.42
N ASP A 398 19.90 5.45 8.60
CA ASP A 398 19.68 4.51 7.49
C ASP A 398 18.46 4.90 6.67
N ASN A 399 17.44 5.39 7.37
CA ASN A 399 16.21 5.82 6.72
C ASN A 399 16.21 7.29 6.36
N GLU A 400 17.37 7.93 6.50
CA GLU A 400 17.57 9.34 6.15
C GLU A 400 16.68 10.32 6.91
N VAL A 401 16.27 9.94 8.12
CA VAL A 401 15.52 10.83 8.99
C VAL A 401 16.44 11.87 9.64
N LEU A 402 17.65 11.46 9.97
CA LEU A 402 18.66 12.38 10.52
C LEU A 402 19.90 12.41 9.63
N THR A 403 20.53 13.58 9.58
CA THR A 403 21.85 13.72 8.97
C THR A 403 22.92 13.26 9.95
N GLU A 404 24.17 13.22 9.47
CA GLU A 404 25.29 12.88 10.34
C GLU A 404 25.48 13.91 11.45
N ASN A 405 25.35 15.19 11.09
CA ASN A 405 25.53 16.26 12.06
C ASN A 405 24.48 16.20 13.17
N GLU A 406 23.23 15.95 12.78
CA GLU A 406 22.14 15.82 13.74
C GLU A 406 22.39 14.67 14.71
N LYS A 407 22.82 13.52 14.18
CA LYS A 407 23.12 12.37 15.01
C LYS A 407 24.19 12.68 16.04
N GLU A 408 25.24 13.38 15.60
CA GLU A 408 26.37 13.69 16.47
C GLU A 408 26.01 14.72 17.54
N LEU A 409 25.06 15.60 17.23
CA LEU A 409 24.58 16.56 18.22
C LEU A 409 23.82 15.87 19.36
N VAL A 410 23.13 14.78 19.05
CA VAL A 410 22.44 14.02 20.08
C VAL A 410 23.48 13.28 20.93
N GLU A 411 24.48 12.72 20.27
CA GLU A 411 25.54 11.99 20.95
C GLU A 411 26.42 12.88 21.83
N GLN A 412 26.37 14.20 21.59
CA GLN A 412 27.16 15.16 22.34
C GLN A 412 26.76 15.24 23.81
N GLU A 413 25.46 15.22 24.07
CA GLU A 413 24.91 15.38 25.42
C GLU A 413 25.56 14.46 26.46
N LYS A 414 25.58 14.93 27.70
CA LYS A 414 26.36 14.27 28.75
C LYS A 414 25.67 13.03 29.34
N THR A 415 24.36 13.09 29.51
CA THR A 415 23.62 11.98 30.10
C THR A 415 22.58 11.39 29.15
N ARG A 416 21.98 10.27 29.56
CA ARG A 416 20.96 9.63 28.74
C ARG A 416 19.69 10.46 28.64
N GLN A 417 19.38 11.22 29.69
CA GLN A 417 18.20 12.08 29.68
C GLN A 417 18.33 13.22 28.66
N SER A 418 19.47 13.91 28.69
CA SER A 418 19.71 15.01 27.76
C SER A 418 19.83 14.50 26.32
N LYS A 419 20.38 13.30 26.15
CA LYS A 419 20.46 12.67 24.84
C LYS A 419 19.06 12.36 24.30
N ASN A 420 18.24 11.72 25.14
CA ASN A 420 16.87 11.38 24.77
C ASN A 420 16.09 12.65 24.42
N GLU A 421 16.27 13.69 25.24
CA GLU A 421 15.54 14.94 25.07
C GLU A 421 15.86 15.60 23.72
N ALA A 422 17.14 15.57 23.34
CA ALA A 422 17.57 16.17 22.08
C ALA A 422 16.99 15.44 20.89
N LEU A 423 17.04 14.11 20.94
CA LEU A 423 16.53 13.28 19.85
C LEU A 423 15.02 13.45 19.66
N LEU A 424 14.28 13.44 20.77
CA LEU A 424 12.82 13.50 20.72
C LEU A 424 12.27 14.75 20.05
N SER A 425 12.83 15.90 20.38
CA SER A 425 12.36 17.17 19.83
C SER A 425 12.67 17.31 18.33
N MET A 426 13.80 16.76 17.90
CA MET A 426 14.26 16.91 16.52
C MET A 426 13.41 16.12 15.52
N VAL A 427 12.93 14.95 15.94
CA VAL A 427 12.18 14.07 15.06
C VAL A 427 10.74 14.56 14.86
N GLU A 428 10.13 15.07 15.92
CA GLU A 428 8.75 15.52 15.89
C GLU A 428 8.48 16.56 14.81
N LYS A 429 9.54 17.29 14.44
CA LYS A 429 9.43 18.38 13.49
C LYS A 429 9.54 17.92 12.03
N LYS A 430 9.85 16.64 11.83
CA LYS A 430 10.14 16.14 10.50
C LYS A 430 8.99 15.36 9.84
N GLY A 431 7.85 15.28 10.50
CA GLY A 431 6.67 14.68 9.90
C GLY A 431 6.24 13.33 10.45
N ASP A 432 5.16 12.81 9.88
CA ASP A 432 4.60 11.53 10.29
C ASP A 432 5.47 10.35 9.89
N LEU A 433 6.07 10.40 8.70
CA LEU A 433 6.92 9.32 8.22
C LEU A 433 8.17 9.16 9.09
N ALA A 434 8.69 10.28 9.59
CA ALA A 434 9.90 10.27 10.43
C ALA A 434 9.63 9.66 11.80
N LEU A 435 8.52 10.07 12.41
CA LEU A 435 8.11 9.51 13.70
C LEU A 435 7.72 8.04 13.60
N ASP A 436 7.31 7.60 12.42
CA ASP A 436 7.04 6.18 12.18
C ASP A 436 8.33 5.42 12.34
N VAL A 437 9.36 5.89 11.65
CA VAL A 437 10.69 5.30 11.71
C VAL A 437 11.17 5.28 13.16
N LEU A 438 10.96 6.38 13.88
CA LEU A 438 11.35 6.45 15.29
C LEU A 438 10.52 5.48 16.15
N PHE A 439 9.21 5.45 15.94
CA PHE A 439 8.36 4.54 16.69
C PHE A 439 8.69 3.09 16.37
N ARG A 440 8.90 2.80 15.09
CA ARG A 440 9.21 1.44 14.66
C ARG A 440 10.55 0.98 15.20
N SER A 441 11.52 1.90 15.20
CA SER A 441 12.85 1.64 15.72
C SER A 441 12.82 1.30 17.22
N ILE A 442 12.09 2.12 17.98
CA ILE A 442 11.90 1.87 19.40
C ILE A 442 11.10 0.58 19.62
N SER A 443 10.05 0.38 18.82
CA SER A 443 9.25 -0.84 18.91
C SER A 443 10.07 -2.07 18.55
N GLU A 444 11.00 -1.92 17.63
CA GLU A 444 11.81 -3.05 17.19
C GLU A 444 12.95 -3.37 18.17
N ARG A 445 13.55 -2.30 18.73
CA ARG A 445 14.75 -2.46 19.54
C ARG A 445 14.50 -2.49 21.05
N ASP A 446 13.45 -1.80 21.51
CA ASP A 446 13.02 -1.91 22.90
C ASP A 446 11.50 -2.13 22.96
N PRO A 447 11.06 -3.35 22.60
CA PRO A 447 9.63 -3.68 22.51
C PRO A 447 8.92 -3.62 23.87
N LEU A 449 9.49 -1.45 26.33
CA LEU A 449 9.18 -0.07 26.70
C LEU A 449 7.84 0.40 26.11
N VAL A 450 7.60 0.08 24.84
CA VAL A 450 6.33 0.40 24.19
C VAL A 450 5.14 -0.28 24.86
N SER A 451 5.27 -1.58 25.13
CA SER A 451 4.23 -2.33 25.81
C SER A 451 3.95 -1.75 27.20
N LEU A 453 4.53 1.38 28.35
CA LEU A 453 3.84 2.67 28.27
C LEU A 453 2.39 2.47 27.84
N ARG A 454 2.17 1.57 26.87
CA ARG A 454 0.82 1.21 26.44
C ARG A 454 -0.03 0.80 27.63
N GLN A 455 0.59 0.08 28.56
CA GLN A 455 -0.09 -0.43 29.74
C GLN A 455 -0.24 0.63 30.83
N GLN A 456 0.75 1.51 30.94
CA GLN A 456 0.68 2.57 31.95
C GLN A 456 -0.36 3.61 31.58
N ASN A 457 -0.60 3.76 30.28
CA ASN A 457 -1.63 4.69 29.79
C ASN A 457 -3.04 4.20 30.05
N LEU A 458 -3.21 2.87 30.16
CA LEU A 458 -4.51 2.29 30.48
C LEU A 458 -4.91 2.60 31.92
N ALA A 459 -3.97 2.46 32.84
CA ALA A 459 -4.22 2.75 34.25
C ALA A 459 -4.46 4.24 34.46
N ALA A 460 -3.91 5.05 33.58
CA ALA A 460 -4.14 6.50 33.63
C ALA A 460 -5.51 6.84 33.05
N ALA A 461 -5.95 6.06 32.07
CA ALA A 461 -7.26 6.27 31.44
C ALA A 461 -8.40 5.73 32.30
N LEU A 462 -8.12 4.68 33.06
CA LEU A 462 -9.12 4.07 33.95
C LEU A 462 -9.51 5.03 35.07
N GLU A 463 -8.52 5.56 35.77
CA GLU A 463 -8.75 6.47 36.88
C GLU A 463 -9.30 7.80 36.40
#